data_7OTF
#
_entry.id   7OTF
#
_cell.length_a   45.310
_cell.length_b   68.630
_cell.length_c   158.650
_cell.angle_alpha   90.000
_cell.angle_beta   90.000
_cell.angle_gamma   90.000
#
_symmetry.space_group_name_H-M   'P 21 21 21'
#
loop_
_entity.id
_entity.type
_entity.pdbx_description
1 polymer 'Protein mono-ADP-ribosyltransferase PARP15'
2 non-polymer 8-[(3-bromophenyl)methoxy]-4~{H}-thieno[2,3-c]isoquinolin-5-one
3 non-polymer 'DIMETHYL SULFOXIDE'
4 water water
#
_entity_poly.entity_id   1
_entity_poly.type   'polypeptide(L)'
_entity_poly.pdbx_seq_one_letter_code
;MHHHHHHSSGVDLGTENLYFQSMNLPEHWTDMNHQLFCMVQLEPGQSEYNTIKDKFTRTCSSYAIEKIERIQNAFLWQSY
QVKKRQMDIKNDHKNNERLLFHGTDADSVPYVNQHGFNRSCAGKNAVSYGKGTYFAVDASYSAKDTYSKPDSNGRKHMYV
VRVLTGVFTKGRAGLVTPPPKNPHNPTDLFDSVTNNTRSPKLFVVFFDNQAYPEYLITFTA
;
_entity_poly.pdbx_strand_id   A,B
#
# COMPACT_ATOMS: atom_id res chain seq x y z
N LEU A 25 -5.53 20.28 3.72
CA LEU A 25 -6.09 19.54 4.91
C LEU A 25 -7.48 20.09 5.25
N PRO A 26 -8.41 19.21 5.67
CA PRO A 26 -9.83 19.56 5.83
C PRO A 26 -10.08 20.73 6.79
N GLU A 27 -11.13 21.51 6.49
CA GLU A 27 -11.45 22.78 7.19
C GLU A 27 -11.75 22.50 8.66
N HIS A 28 -12.37 21.35 8.97
CA HIS A 28 -12.83 21.03 10.35
C HIS A 28 -11.68 20.51 11.22
N TRP A 29 -10.52 20.24 10.62
CA TRP A 29 -9.31 19.92 11.43
C TRP A 29 -8.94 21.14 12.25
N THR A 30 -8.27 20.92 13.37
CA THR A 30 -7.77 22.04 14.17
C THR A 30 -6.26 22.15 13.93
N ASP A 31 -5.72 23.32 14.25
CA ASP A 31 -4.30 23.64 13.95
C ASP A 31 -3.39 22.66 14.68
N MET A 32 -2.28 22.31 14.02
CA MET A 32 -1.32 21.34 14.57
C MET A 32 0.06 21.93 14.80
N ASN A 33 0.19 23.25 14.87
CA ASN A 33 1.49 23.93 15.19
C ASN A 33 2.56 23.36 14.25
N HIS A 34 2.26 23.29 12.95
CA HIS A 34 3.18 22.91 11.84
C HIS A 34 3.60 21.44 11.96
N GLN A 35 2.89 20.63 12.74
CA GLN A 35 3.12 19.16 12.78
C GLN A 35 2.16 18.43 11.85
N LEU A 36 2.41 17.15 11.62
CA LEU A 36 1.71 16.38 10.56
C LEU A 36 0.81 15.29 11.15
N PHE A 37 0.83 15.10 12.46
CA PHE A 37 0.02 14.06 13.13
C PHE A 37 -0.44 14.52 14.49
N CYS A 38 -1.73 14.45 14.72
CA CYS A 38 -2.27 14.68 16.08
CA CYS A 38 -2.33 14.79 16.03
CA CYS A 38 -2.34 14.79 16.03
C CYS A 38 -3.62 13.99 16.22
N MET A 39 -3.85 13.51 17.43
CA MET A 39 -5.13 12.93 17.84
C MET A 39 -5.86 14.00 18.64
N VAL A 40 -7.03 14.43 18.20
CA VAL A 40 -7.73 15.58 18.82
C VAL A 40 -8.99 15.04 19.51
N GLN A 41 -9.05 15.14 20.84
CA GLN A 41 -10.27 14.72 21.57
C GLN A 41 -11.40 15.68 21.22
N LEU A 42 -12.55 15.16 20.82
CA LEU A 42 -13.70 15.99 20.42
C LEU A 42 -14.42 16.46 21.67
N GLU A 43 -14.99 17.66 21.54
CA GLU A 43 -15.87 18.31 22.52
C GLU A 43 -17.26 17.69 22.43
N PRO A 44 -17.72 17.00 23.49
CA PRO A 44 -19.10 16.53 23.55
C PRO A 44 -20.10 17.69 23.35
N GLY A 45 -21.19 17.39 22.65
CA GLY A 45 -22.32 18.31 22.47
C GLY A 45 -22.14 19.24 21.28
N GLN A 46 -20.97 19.23 20.64
CA GLN A 46 -20.73 20.02 19.40
C GLN A 46 -21.08 19.15 18.20
N SER A 47 -21.40 19.78 17.08
CA SER A 47 -21.99 19.17 15.87
C SER A 47 -21.16 17.95 15.47
N GLU A 48 -19.84 18.06 15.48
CA GLU A 48 -18.96 16.98 14.96
C GLU A 48 -19.09 15.75 15.87
N TYR A 49 -18.88 15.90 17.16
CA TYR A 49 -19.01 14.81 18.15
C TYR A 49 -20.41 14.19 18.03
N ASN A 50 -21.44 15.03 17.95
CA ASN A 50 -22.85 14.55 17.92
C ASN A 50 -23.04 13.64 16.70
N THR A 51 -22.50 14.04 15.55
CA THR A 51 -22.69 13.34 14.27
C THR A 51 -22.04 11.97 14.43
N ILE A 52 -20.83 11.92 14.98
CA ILE A 52 -20.10 10.62 15.05
C ILE A 52 -20.76 9.74 16.12
N LYS A 53 -21.14 10.33 17.24
CA LYS A 53 -21.78 9.54 18.31
C LYS A 53 -23.07 8.90 17.80
N ASP A 54 -23.87 9.65 17.04
CA ASP A 54 -25.15 9.15 16.46
CA ASP A 54 -25.15 9.16 16.45
C ASP A 54 -24.89 7.94 15.55
N LYS A 55 -23.80 7.97 14.77
CA LYS A 55 -23.51 6.85 13.84
C LYS A 55 -23.29 5.58 14.67
N PHE A 56 -22.59 5.73 15.80
CA PHE A 56 -22.30 4.63 16.74
C PHE A 56 -23.57 4.21 17.46
N THR A 57 -24.36 5.13 18.00
CA THR A 57 -25.56 4.78 18.82
C THR A 57 -26.71 4.23 18.01
N ARG A 58 -26.65 4.39 16.71
CA ARG A 58 -27.67 3.80 15.83
C ARG A 58 -27.73 2.29 16.11
N THR A 59 -26.59 1.66 16.37
CA THR A 59 -26.57 0.20 16.66
C THR A 59 -25.89 -0.17 17.99
N CYS A 60 -25.26 0.76 18.72
CA CYS A 60 -24.47 0.49 19.94
C CYS A 60 -24.96 1.40 21.08
N SER A 61 -26.26 1.61 21.17
CA SER A 61 -26.83 2.52 22.19
C SER A 61 -26.67 1.91 23.59
N SER A 62 -26.39 0.61 23.75
CA SER A 62 -26.26 -0.03 25.10
C SER A 62 -24.81 0.11 25.62
N TYR A 63 -23.89 0.66 24.84
CA TYR A 63 -22.48 0.82 25.26
C TYR A 63 -22.31 2.15 26.00
N ALA A 64 -21.11 2.37 26.54
CA ALA A 64 -20.73 3.63 27.21
C ALA A 64 -19.55 4.23 26.45
N ILE A 65 -19.71 5.46 25.98
CA ILE A 65 -18.65 6.17 25.21
C ILE A 65 -17.80 6.94 26.22
N GLU A 66 -16.51 6.63 26.28
CA GLU A 66 -15.55 7.38 27.11
C GLU A 66 -15.12 8.65 26.37
N LYS A 67 -14.71 8.53 25.12
CA LYS A 67 -14.28 9.69 24.32
C LYS A 67 -14.27 9.33 22.83
N ILE A 68 -14.27 10.37 22.03
CA ILE A 68 -14.13 10.28 20.56
C ILE A 68 -12.98 11.19 20.18
N GLU A 69 -12.04 10.68 19.39
CA GLU A 69 -10.89 11.47 18.92
C GLU A 69 -10.93 11.56 17.40
N ARG A 70 -10.62 12.74 16.89
CA ARG A 70 -10.40 12.94 15.44
CA ARG A 70 -10.39 12.99 15.44
C ARG A 70 -8.93 12.65 15.14
N ILE A 71 -8.71 11.80 14.15
CA ILE A 71 -7.35 11.43 13.70
C ILE A 71 -6.93 12.43 12.63
N GLN A 72 -5.91 13.22 12.92
CA GLN A 72 -5.36 14.18 11.94
C GLN A 72 -3.99 13.68 11.52
N ASN A 73 -3.97 12.91 10.44
CA ASN A 73 -2.71 12.32 9.94
C ASN A 73 -2.51 12.82 8.51
N ALA A 74 -1.71 13.86 8.34
CA ALA A 74 -1.58 14.56 7.04
C ALA A 74 -1.13 13.57 5.97
N PHE A 75 -0.15 12.75 6.28
CA PHE A 75 0.41 11.83 5.26
C PHE A 75 -0.64 10.80 4.82
N LEU A 76 -1.31 10.19 5.77
CA LEU A 76 -2.34 9.19 5.42
C LEU A 76 -3.46 9.84 4.64
N TRP A 77 -3.82 11.06 5.03
CA TRP A 77 -4.92 11.77 4.35
C TRP A 77 -4.50 12.02 2.89
N GLN A 78 -3.29 12.52 2.70
CA GLN A 78 -2.72 12.84 1.36
CA GLN A 78 -2.81 12.85 1.34
C GLN A 78 -2.82 11.60 0.45
N SER A 79 -2.34 10.47 0.95
CA SER A 79 -2.27 9.23 0.13
C SER A 79 -3.68 8.75 -0.19
N TYR A 80 -4.58 8.83 0.77
CA TYR A 80 -5.99 8.44 0.60
C TYR A 80 -6.66 9.33 -0.44
N GLN A 81 -6.46 10.66 -0.32
CA GLN A 81 -7.12 11.60 -1.25
C GLN A 81 -6.61 11.39 -2.68
N VAL A 82 -5.34 11.08 -2.85
CA VAL A 82 -4.82 10.76 -4.21
C VAL A 82 -5.57 9.53 -4.73
N LYS A 83 -5.72 8.50 -3.90
CA LYS A 83 -6.44 7.28 -4.35
CA LYS A 83 -6.45 7.26 -4.29
CA LYS A 83 -6.44 7.28 -4.34
C LYS A 83 -7.91 7.61 -4.65
N LYS A 84 -8.53 8.50 -3.86
CA LYS A 84 -9.93 8.88 -4.13
C LYS A 84 -10.01 9.57 -5.50
N ARG A 85 -9.13 10.53 -5.75
CA ARG A 85 -9.17 11.28 -7.03
C ARG A 85 -9.00 10.29 -8.19
N GLN A 86 -8.10 9.32 -8.04
CA GLN A 86 -7.87 8.31 -9.09
C GLN A 86 -9.12 7.44 -9.26
N MET A 87 -9.74 6.98 -8.17
CA MET A 87 -10.93 6.12 -8.27
C MET A 87 -12.10 6.90 -8.86
N ASP A 88 -12.20 8.19 -8.55
CA ASP A 88 -13.27 9.05 -9.11
C ASP A 88 -13.08 9.16 -10.64
N ILE A 89 -11.83 9.30 -11.10
CA ILE A 89 -11.55 9.32 -12.55
C ILE A 89 -11.89 7.95 -13.15
N LYS A 90 -11.37 6.87 -12.56
CA LYS A 90 -11.48 5.52 -13.14
C LYS A 90 -12.96 5.17 -13.29
N ASN A 91 -13.74 5.43 -12.25
CA ASN A 91 -15.15 4.98 -12.17
C ASN A 91 -16.07 6.00 -12.83
N ASP A 92 -15.57 7.20 -13.16
CA ASP A 92 -16.29 8.28 -13.88
C ASP A 92 -17.52 8.69 -13.07
N HIS A 93 -17.38 8.76 -11.74
CA HIS A 93 -18.40 9.25 -10.77
C HIS A 93 -17.71 9.41 -9.41
N LYS A 94 -18.31 10.22 -8.53
CA LYS A 94 -17.72 10.61 -7.22
C LYS A 94 -18.56 9.99 -6.08
N ASN A 95 -19.09 8.77 -6.29
CA ASN A 95 -19.83 8.01 -5.24
C ASN A 95 -19.00 6.81 -4.78
N ASN A 96 -17.70 6.97 -4.54
CA ASN A 96 -16.82 5.80 -4.28
C ASN A 96 -16.51 5.58 -2.80
N GLU A 97 -16.97 6.45 -1.92
CA GLU A 97 -16.59 6.45 -0.49
C GLU A 97 -17.79 6.08 0.37
N ARG A 98 -17.54 5.33 1.43
CA ARG A 98 -18.52 4.88 2.46
CA ARG A 98 -18.56 5.29 2.49
C ARG A 98 -17.88 5.16 3.83
N LEU A 99 -18.68 5.44 4.84
CA LEU A 99 -18.17 5.53 6.21
C LEU A 99 -18.49 4.23 6.91
N LEU A 100 -17.47 3.53 7.36
CA LEU A 100 -17.60 2.17 7.93
C LEU A 100 -16.87 2.11 9.27
N PHE A 101 -17.02 0.99 9.96
CA PHE A 101 -16.43 0.81 11.31
C PHE A 101 -15.35 -0.26 11.29
N HIS A 102 -14.39 -0.14 12.18
CA HIS A 102 -13.33 -1.15 12.36
C HIS A 102 -12.98 -1.26 13.85
N GLY A 103 -13.32 -2.39 14.46
CA GLY A 103 -12.93 -2.72 15.84
C GLY A 103 -11.54 -3.30 15.85
N THR A 104 -10.70 -2.94 16.81
CA THR A 104 -9.37 -3.56 16.94
C THR A 104 -8.96 -3.58 18.39
N ASP A 105 -7.83 -4.23 18.65
CA ASP A 105 -7.27 -4.34 20.01
C ASP A 105 -6.47 -3.07 20.33
N ALA A 106 -6.29 -2.78 21.61
CA ALA A 106 -5.55 -1.60 22.08
C ALA A 106 -4.14 -1.56 21.52
N ASP A 107 -3.49 -2.73 21.35
CA ASP A 107 -2.06 -2.79 20.94
C ASP A 107 -1.93 -2.40 19.46
N SER A 108 -3.00 -2.44 18.67
CA SER A 108 -2.99 -2.05 17.24
C SER A 108 -3.30 -0.55 17.06
N VAL A 109 -3.86 0.12 18.07
CA VAL A 109 -4.36 1.52 17.89
C VAL A 109 -3.23 2.47 17.51
N PRO A 110 -2.04 2.47 18.16
CA PRO A 110 -1.00 3.40 17.75
C PRO A 110 -0.58 3.20 16.28
N TYR A 111 -0.49 1.93 15.87
CA TYR A 111 -0.12 1.60 14.49
C TYR A 111 -1.17 2.19 13.53
N VAL A 112 -2.44 1.91 13.75
CA VAL A 112 -3.52 2.39 12.85
C VAL A 112 -3.49 3.92 12.80
N ASN A 113 -3.37 4.59 13.94
CA ASN A 113 -3.41 6.06 13.96
C ASN A 113 -2.31 6.61 13.06
N GLN A 114 -1.13 5.99 13.07
CA GLN A 114 0.04 6.52 12.34
CA GLN A 114 0.08 6.48 12.35
C GLN A 114 0.11 5.97 10.90
N HIS A 115 -0.26 4.70 10.69
CA HIS A 115 0.00 4.00 9.41
C HIS A 115 -1.27 3.51 8.72
N GLY A 116 -2.42 3.64 9.35
CA GLY A 116 -3.68 3.13 8.80
C GLY A 116 -3.75 1.63 8.83
N PHE A 117 -4.50 1.08 7.88
CA PHE A 117 -4.90 -0.34 7.89
C PHE A 117 -3.99 -1.16 7.00
N ASN A 118 -3.47 -2.26 7.57
CA ASN A 118 -2.46 -3.11 6.91
C ASN A 118 -3.00 -4.52 6.81
N ARG A 119 -3.29 -4.97 5.58
CA ARG A 119 -3.82 -6.34 5.35
C ARG A 119 -2.85 -7.40 5.84
N SER A 120 -1.55 -7.08 5.95
CA SER A 120 -0.52 -8.06 6.33
C SER A 120 -0.55 -8.31 7.84
N CYS A 121 -1.32 -7.53 8.60
CA CYS A 121 -1.49 -7.71 10.07
C CYS A 121 -2.75 -8.51 10.34
N LYS A 124 -5.96 -13.76 13.18
CA LYS A 124 -6.75 -14.44 14.26
C LYS A 124 -8.17 -14.72 13.77
N ASN A 125 -8.82 -13.69 13.21
CA ASN A 125 -10.27 -13.69 12.85
C ASN A 125 -10.46 -14.26 11.44
N ALA A 126 -11.68 -14.71 11.14
CA ALA A 126 -12.07 -15.32 9.84
C ALA A 126 -11.86 -14.32 8.70
N VAL A 127 -11.29 -14.79 7.58
CA VAL A 127 -10.98 -13.98 6.37
C VAL A 127 -11.69 -14.63 5.17
N SER A 128 -12.95 -14.97 5.39
CA SER A 128 -13.80 -15.74 4.46
C SER A 128 -14.01 -14.99 3.15
N TYR A 129 -13.85 -13.65 3.11
CA TYR A 129 -14.18 -12.88 1.88
C TYR A 129 -12.90 -12.38 1.22
N GLY A 130 -11.74 -12.79 1.71
CA GLY A 130 -10.44 -12.40 1.15
C GLY A 130 -9.46 -11.91 2.19
N LYS A 131 -8.19 -11.90 1.85
CA LYS A 131 -7.08 -11.46 2.70
C LYS A 131 -6.89 -9.94 2.54
N GLY A 132 -7.80 -9.19 3.12
CA GLY A 132 -7.74 -7.73 3.13
C GLY A 132 -8.10 -7.21 4.49
N THR A 133 -8.33 -5.91 4.58
CA THR A 133 -8.81 -5.32 5.83
C THR A 133 -10.33 -5.26 5.77
N TYR A 134 -10.98 -5.67 6.84
CA TYR A 134 -12.44 -5.77 6.96
C TYR A 134 -12.99 -4.54 7.65
N PHE A 135 -14.14 -4.10 7.16
CA PHE A 135 -14.88 -2.94 7.68
C PHE A 135 -16.36 -3.28 7.73
N ALA A 136 -17.01 -2.92 8.84
CA ALA A 136 -18.43 -3.24 9.05
C ALA A 136 -19.30 -2.05 8.73
N VAL A 137 -20.48 -2.33 8.19
CA VAL A 137 -21.53 -1.31 7.99
C VAL A 137 -22.07 -0.87 9.36
N ASP A 138 -22.28 -1.81 10.27
CA ASP A 138 -22.87 -1.51 11.59
C ASP A 138 -21.79 -1.50 12.67
N ALA A 139 -21.78 -0.47 13.52
CA ALA A 139 -20.86 -0.44 14.68
C ALA A 139 -21.05 -1.69 15.56
N SER A 140 -22.27 -2.20 15.67
CA SER A 140 -22.55 -3.36 16.55
C SER A 140 -21.71 -4.56 16.11
N TYR A 141 -21.40 -4.70 14.82
CA TYR A 141 -20.59 -5.85 14.36
C TYR A 141 -19.14 -5.65 14.81
N SER A 142 -18.61 -4.44 14.61
CA SER A 142 -17.24 -4.11 15.06
C SER A 142 -17.13 -4.12 16.60
N ALA A 143 -18.26 -3.98 17.28
CA ALA A 143 -18.26 -3.93 18.77
C ALA A 143 -18.06 -5.32 19.38
N LYS A 144 -18.12 -6.39 18.58
CA LYS A 144 -17.84 -7.75 19.09
C LYS A 144 -16.47 -7.78 19.73
N ASP A 145 -16.35 -8.49 20.86
CA ASP A 145 -15.06 -8.59 21.59
C ASP A 145 -13.97 -9.24 20.71
N THR A 146 -14.33 -10.11 19.76
CA THR A 146 -13.38 -10.73 18.79
CA THR A 146 -13.33 -10.72 18.86
C THR A 146 -12.61 -9.67 18.01
N TYR A 147 -13.21 -8.48 17.83
CA TYR A 147 -12.61 -7.40 17.00
C TYR A 147 -12.12 -6.28 17.93
N SER A 148 -13.05 -5.62 18.62
CA SER A 148 -12.69 -4.53 19.56
C SER A 148 -12.38 -5.19 20.92
N LYS A 149 -11.28 -5.92 20.99
CA LYS A 149 -10.92 -6.73 22.18
C LYS A 149 -10.86 -5.80 23.40
N PRO A 150 -11.60 -6.08 24.48
CA PRO A 150 -11.49 -5.25 25.68
C PRO A 150 -10.09 -5.41 26.27
N ASP A 151 -9.49 -4.28 26.68
CA ASP A 151 -8.10 -4.24 27.23
C ASP A 151 -8.18 -4.52 28.74
N SER A 152 -7.03 -4.45 29.41
CA SER A 152 -6.86 -4.72 30.87
C SER A 152 -7.95 -4.02 31.68
N ASN A 153 -8.44 -2.87 31.19
CA ASN A 153 -9.37 -1.94 31.90
C ASN A 153 -10.81 -2.12 31.41
N GLY A 154 -11.06 -2.91 30.36
CA GLY A 154 -12.40 -3.13 29.77
C GLY A 154 -12.67 -2.17 28.62
N ARG A 155 -11.71 -1.32 28.30
CA ARG A 155 -11.85 -0.33 27.23
C ARG A 155 -11.79 -1.07 25.91
N LYS A 156 -12.71 -0.69 25.03
CA LYS A 156 -12.79 -1.22 23.66
C LYS A 156 -12.54 -0.05 22.70
N HIS A 157 -12.07 -0.36 21.50
CA HIS A 157 -11.59 0.64 20.52
C HIS A 157 -12.20 0.36 19.15
N MET A 158 -12.84 1.36 18.56
CA MET A 158 -13.44 1.24 17.22
C MET A 158 -13.17 2.51 16.43
N TYR A 159 -12.69 2.33 15.22
CA TYR A 159 -12.53 3.42 14.25
C TYR A 159 -13.80 3.63 13.45
N VAL A 160 -14.03 4.90 13.12
CA VAL A 160 -14.94 5.32 12.03
C VAL A 160 -14.03 5.68 10.87
N VAL A 161 -14.25 5.02 9.73
CA VAL A 161 -13.25 4.98 8.64
C VAL A 161 -13.89 5.42 7.33
N ARG A 162 -13.18 6.28 6.61
CA ARG A 162 -13.55 6.59 5.23
CA ARG A 162 -13.54 6.59 5.23
C ARG A 162 -12.96 5.48 4.35
N VAL A 163 -13.82 4.76 3.65
CA VAL A 163 -13.34 3.62 2.82
C VAL A 163 -13.75 3.84 1.37
N LEU A 164 -12.79 3.65 0.47
CA LEU A 164 -13.04 3.72 -0.97
C LEU A 164 -13.53 2.35 -1.41
N THR A 165 -14.80 2.08 -1.17
CA THR A 165 -15.44 0.81 -1.61
C THR A 165 -15.63 0.79 -3.12
N GLY A 166 -15.85 1.93 -3.74
CA GLY A 166 -15.98 2.01 -5.20
C GLY A 166 -17.01 1.02 -5.72
N VAL A 167 -16.65 0.34 -6.80
CA VAL A 167 -17.49 -0.72 -7.43
C VAL A 167 -17.09 -2.04 -6.81
N PHE A 168 -18.05 -2.76 -6.25
CA PHE A 168 -17.75 -3.96 -5.45
C PHE A 168 -18.53 -5.15 -6.01
N THR A 169 -18.04 -6.31 -5.58
CA THR A 169 -18.60 -7.61 -5.93
C THR A 169 -18.52 -8.50 -4.68
N LYS A 170 -19.11 -9.68 -4.76
CA LYS A 170 -19.09 -10.63 -3.65
C LYS A 170 -17.66 -11.16 -3.52
N GLY A 171 -17.16 -11.24 -2.30
CA GLY A 171 -15.83 -11.81 -2.04
C GLY A 171 -15.91 -13.32 -1.90
N ARG A 172 -14.75 -13.91 -1.68
CA ARG A 172 -14.62 -15.37 -1.44
CA ARG A 172 -14.62 -15.36 -1.44
C ARG A 172 -13.27 -15.62 -0.77
N ALA A 173 -13.11 -16.79 -0.17
CA ALA A 173 -11.89 -17.08 0.61
C ALA A 173 -10.69 -17.08 -0.33
N GLY A 174 -9.58 -16.55 0.16
CA GLY A 174 -8.27 -16.69 -0.49
C GLY A 174 -7.99 -15.60 -1.51
N LEU A 175 -8.94 -14.69 -1.76
CA LEU A 175 -8.62 -13.52 -2.64
C LEU A 175 -7.46 -12.75 -2.02
N VAL A 176 -6.51 -12.31 -2.85
CA VAL A 176 -5.46 -11.37 -2.40
C VAL A 176 -5.68 -9.99 -3.02
N THR A 177 -6.51 -9.91 -4.07
CA THR A 177 -6.99 -8.62 -4.63
C THR A 177 -8.46 -8.82 -4.96
N PRO A 178 -9.24 -7.75 -5.27
CA PRO A 178 -10.58 -7.96 -5.76
C PRO A 178 -10.53 -8.66 -7.11
N PRO A 179 -11.60 -9.36 -7.48
CA PRO A 179 -11.68 -10.03 -8.77
C PRO A 179 -11.68 -9.01 -9.91
N PRO A 180 -11.35 -9.46 -11.15
CA PRO A 180 -11.56 -8.62 -12.32
C PRO A 180 -13.05 -8.41 -12.55
N LYS A 181 -13.43 -7.27 -13.12
CA LYS A 181 -14.83 -6.98 -13.53
C LYS A 181 -15.20 -7.87 -14.72
N ASN A 182 -14.21 -8.30 -15.49
CA ASN A 182 -14.37 -9.14 -16.71
C ASN A 182 -13.14 -10.02 -16.85
N PRO A 183 -13.27 -11.37 -16.83
CA PRO A 183 -12.12 -12.26 -16.99
C PRO A 183 -11.31 -12.01 -18.28
N HIS A 184 -11.90 -11.35 -19.28
CA HIS A 184 -11.24 -10.99 -20.56
C HIS A 184 -10.20 -9.87 -20.36
N ASN A 185 -10.42 -8.97 -19.39
CA ASN A 185 -9.44 -7.92 -18.98
C ASN A 185 -9.06 -8.13 -17.52
N PRO A 186 -8.12 -9.07 -17.23
CA PRO A 186 -7.85 -9.52 -15.86
C PRO A 186 -7.23 -8.46 -14.95
N THR A 187 -6.71 -7.35 -15.47
CA THR A 187 -6.07 -6.33 -14.59
C THR A 187 -7.05 -5.21 -14.25
N ASP A 188 -8.25 -5.18 -14.84
CA ASP A 188 -9.28 -4.14 -14.54
C ASP A 188 -10.14 -4.65 -13.38
N LEU A 189 -9.87 -4.19 -12.16
CA LEU A 189 -10.38 -4.87 -10.95
C LEU A 189 -11.59 -4.15 -10.36
N PHE A 190 -12.46 -4.88 -9.70
CA PHE A 190 -13.37 -4.29 -8.70
C PHE A 190 -12.53 -3.55 -7.65
N ASP A 191 -13.12 -2.54 -7.01
CA ASP A 191 -12.40 -1.75 -5.98
C ASP A 191 -12.39 -2.45 -4.62
N SER A 192 -13.41 -3.22 -4.33
CA SER A 192 -13.56 -3.88 -3.03
C SER A 192 -14.47 -5.08 -3.21
N VAL A 193 -14.58 -5.87 -2.15
CA VAL A 193 -15.54 -6.98 -2.13
C VAL A 193 -16.40 -6.87 -0.87
N THR A 194 -17.50 -7.62 -0.87
CA THR A 194 -18.49 -7.57 0.21
C THR A 194 -19.02 -8.98 0.45
N ASN A 195 -19.76 -9.16 1.53
CA ASN A 195 -20.46 -10.44 1.78
C ASN A 195 -21.69 -10.55 0.87
N ASN A 196 -22.33 -9.44 0.52
CA ASN A 196 -23.66 -9.42 -0.14
C ASN A 196 -23.80 -8.12 -0.91
N THR A 197 -23.90 -8.17 -2.24
CA THR A 197 -23.89 -6.93 -3.08
C THR A 197 -25.20 -6.14 -2.91
N ARG A 198 -26.34 -6.82 -2.70
CA ARG A 198 -27.68 -6.19 -2.57
C ARG A 198 -27.78 -5.47 -1.22
N SER A 199 -27.28 -6.11 -0.15
CA SER A 199 -27.40 -5.59 1.23
C SER A 199 -26.11 -5.87 1.98
N PRO A 200 -25.04 -5.11 1.67
CA PRO A 200 -23.75 -5.34 2.28
C PRO A 200 -23.75 -5.11 3.79
N LYS A 201 -23.03 -5.97 4.53
CA LYS A 201 -22.78 -5.71 5.96
C LYS A 201 -21.29 -5.60 6.26
N LEU A 202 -20.42 -5.98 5.33
CA LEU A 202 -18.98 -5.84 5.49
C LEU A 202 -18.37 -5.58 4.12
N PHE A 203 -17.24 -4.91 4.14
CA PHE A 203 -16.41 -4.68 2.94
C PHE A 203 -14.98 -5.04 3.27
N VAL A 204 -14.28 -5.51 2.25
CA VAL A 204 -12.85 -5.85 2.35
C VAL A 204 -12.12 -5.02 1.30
N VAL A 205 -11.08 -4.34 1.71
CA VAL A 205 -10.18 -3.66 0.75
C VAL A 205 -8.78 -4.26 0.87
N PHE A 206 -8.06 -4.21 -0.23
CA PHE A 206 -6.83 -5.01 -0.36
C PHE A 206 -5.60 -4.17 -0.63
N PHE A 207 -5.73 -2.85 -0.54
CA PHE A 207 -4.59 -1.94 -0.79
C PHE A 207 -4.51 -0.89 0.30
N ASP A 208 -3.24 -0.61 0.59
N ASP A 208 -3.33 -0.35 0.60
CA ASP A 208 -2.75 0.50 1.41
CA ASP A 208 -3.11 0.50 1.80
C ASP A 208 -3.43 1.77 0.89
C ASP A 208 -3.85 1.85 1.73
N ASN A 209 -3.93 2.56 1.82
N ASN A 209 -3.95 2.45 0.54
CA ASN A 209 -4.42 3.93 1.56
CA ASN A 209 -4.36 3.87 0.42
C ASN A 209 -5.76 3.93 0.75
C ASN A 209 -5.88 3.93 0.38
N GLN A 210 -6.56 2.86 0.78
CA GLN A 210 -8.01 2.82 0.40
C GLN A 210 -8.92 3.07 1.62
N ALA A 211 -8.33 3.31 2.78
CA ALA A 211 -9.10 3.53 4.01
C ALA A 211 -8.38 4.59 4.86
N TYR A 212 -9.12 5.59 5.31
CA TYR A 212 -8.58 6.64 6.20
C TYR A 212 -9.27 6.52 7.55
N PRO A 213 -8.52 6.22 8.65
CA PRO A 213 -9.11 6.20 9.99
C PRO A 213 -9.42 7.65 10.40
N GLU A 214 -10.71 7.96 10.50
CA GLU A 214 -11.13 9.36 10.69
C GLU A 214 -11.37 9.67 12.17
N TYR A 215 -12.00 8.76 12.90
CA TYR A 215 -12.30 8.93 14.34
C TYR A 215 -11.99 7.65 15.06
N LEU A 216 -11.56 7.79 16.31
CA LEU A 216 -11.38 6.64 17.21
C LEU A 216 -12.37 6.80 18.36
N ILE A 217 -13.24 5.83 18.55
CA ILE A 217 -14.20 5.77 19.69
C ILE A 217 -13.62 4.83 20.72
N THR A 218 -13.50 5.32 21.94
CA THR A 218 -13.09 4.53 23.11
C THR A 218 -14.36 4.31 23.96
N PHE A 219 -14.70 3.06 24.25
CA PHE A 219 -16.02 2.73 24.81
C PHE A 219 -15.94 1.45 25.64
N THR A 220 -16.98 1.20 26.43
CA THR A 220 -17.14 -0.03 27.23
C THR A 220 -18.54 -0.60 27.02
N ALA A 221 -18.71 -1.88 27.35
CA ALA A 221 -20.01 -2.58 27.28
C ALA A 221 -20.97 -2.15 28.40
N LEU B 25 3.10 14.82 -14.30
CA LEU B 25 3.86 13.69 -14.96
C LEU B 25 5.15 14.23 -15.58
N PRO B 26 6.23 13.43 -15.62
CA PRO B 26 7.51 13.89 -16.16
C PRO B 26 7.43 14.39 -17.61
N GLU B 27 8.09 15.51 -17.90
CA GLU B 27 7.87 16.26 -19.16
CA GLU B 27 7.87 16.25 -19.17
C GLU B 27 8.45 15.50 -20.36
N HIS B 28 9.35 14.56 -20.14
CA HIS B 28 9.97 13.83 -21.28
C HIS B 28 9.21 12.51 -21.55
N TRP B 29 8.16 12.20 -20.79
CA TRP B 29 7.24 11.08 -21.15
C TRP B 29 6.60 11.38 -22.50
N THR B 30 6.24 10.35 -23.27
CA THR B 30 5.38 10.53 -24.48
C THR B 30 4.01 11.02 -24.02
N ASP B 31 3.39 11.81 -24.87
CA ASP B 31 2.00 12.30 -24.72
C ASP B 31 1.12 11.06 -24.83
N MET B 32 0.32 10.81 -23.80
CA MET B 32 -0.59 9.64 -23.79
C MET B 32 -2.01 10.07 -24.19
N ASN B 33 -2.17 11.28 -24.72
CA ASN B 33 -3.45 11.83 -25.22
C ASN B 33 -4.57 11.42 -24.25
N HIS B 34 -4.43 11.81 -22.97
CA HIS B 34 -5.42 11.66 -21.88
C HIS B 34 -5.50 10.21 -21.35
N GLN B 35 -4.84 9.24 -21.99
CA GLN B 35 -4.72 7.86 -21.45
C GLN B 35 -3.77 7.91 -20.25
N LEU B 36 -3.90 6.91 -19.37
CA LEU B 36 -3.26 6.92 -18.03
C LEU B 36 -2.11 5.90 -18.00
N PHE B 37 -1.90 5.20 -19.09
CA PHE B 37 -0.96 4.06 -19.12
C PHE B 37 -0.40 3.87 -20.52
N CYS B 38 0.91 3.69 -20.61
CA CYS B 38 1.48 3.09 -21.82
CA CYS B 38 1.60 3.38 -21.90
C CYS B 38 2.94 2.69 -21.61
N MET B 39 3.33 1.75 -22.43
CA MET B 39 4.68 1.15 -22.46
C MET B 39 5.37 1.73 -23.70
N VAL B 40 6.51 2.39 -23.54
CA VAL B 40 7.22 3.07 -24.64
C VAL B 40 8.53 2.32 -24.91
N GLN B 41 8.66 1.79 -26.12
CA GLN B 41 9.88 1.07 -26.49
C GLN B 41 11.01 2.08 -26.68
N LEU B 42 12.15 1.87 -26.06
CA LEU B 42 13.30 2.78 -26.19
C LEU B 42 14.19 2.36 -27.35
N GLU B 43 15.00 3.31 -27.82
CA GLU B 43 15.94 3.06 -28.93
C GLU B 43 17.36 2.91 -28.42
N PRO B 44 18.08 1.84 -28.84
CA PRO B 44 19.50 1.70 -28.55
C PRO B 44 20.24 2.96 -29.03
N GLY B 45 21.28 3.36 -28.29
CA GLY B 45 22.10 4.53 -28.65
C GLY B 45 21.58 5.77 -27.95
N GLN B 46 20.29 5.81 -27.58
CA GLN B 46 19.83 6.89 -26.69
C GLN B 46 20.45 6.67 -25.32
N SER B 47 20.78 7.75 -24.64
CA SER B 47 21.35 7.69 -23.28
C SER B 47 20.42 6.89 -22.36
N GLU B 48 19.12 7.07 -22.51
CA GLU B 48 18.12 6.43 -21.61
C GLU B 48 18.22 4.89 -21.74
N TYR B 49 18.28 4.38 -22.96
CA TYR B 49 18.43 2.93 -23.21
C TYR B 49 19.81 2.50 -22.70
N ASN B 50 20.86 3.21 -23.10
CA ASN B 50 22.24 2.75 -22.88
C ASN B 50 22.53 2.66 -21.38
N THR B 51 22.01 3.59 -20.58
CA THR B 51 22.31 3.54 -19.13
CA THR B 51 22.29 3.56 -19.11
C THR B 51 21.68 2.30 -18.49
N ILE B 52 20.48 1.93 -18.91
CA ILE B 52 19.79 0.71 -18.41
C ILE B 52 20.55 -0.50 -18.93
N LYS B 53 20.89 -0.54 -20.20
CA LYS B 53 21.64 -1.72 -20.69
C LYS B 53 22.96 -1.84 -19.93
N ASP B 54 23.67 -0.73 -19.69
CA ASP B 54 24.97 -0.78 -18.97
C ASP B 54 24.75 -1.29 -17.55
N LYS B 55 23.68 -0.84 -16.89
CA LYS B 55 23.41 -1.22 -15.47
C LYS B 55 23.17 -2.73 -15.43
N PHE B 56 22.43 -3.25 -16.42
CA PHE B 56 22.12 -4.68 -16.54
C PHE B 56 23.40 -5.48 -16.87
N THR B 57 24.15 -5.05 -17.88
CA THR B 57 25.30 -5.83 -18.41
CA THR B 57 25.32 -5.79 -18.44
C THR B 57 26.47 -5.82 -17.42
N ARG B 58 26.50 -4.87 -16.49
CA ARG B 58 27.55 -4.86 -15.44
C ARG B 58 27.61 -6.23 -14.76
N THR B 59 26.47 -6.92 -14.56
CA THR B 59 26.44 -8.25 -13.89
C THR B 59 25.78 -9.34 -14.76
N CYS B 60 25.18 -9.02 -15.90
CA CYS B 60 24.45 -9.97 -16.78
CA CYS B 60 24.44 -9.96 -16.77
C CYS B 60 24.99 -9.95 -18.22
N SER B 61 26.31 -9.83 -18.36
CA SER B 61 27.03 -9.82 -19.67
C SER B 61 26.70 -11.08 -20.51
N SER B 62 26.29 -12.21 -19.90
CA SER B 62 26.06 -13.47 -20.66
C SER B 62 24.70 -13.49 -21.37
N TYR B 63 23.77 -12.61 -20.98
CA TYR B 63 22.41 -12.54 -21.57
C TYR B 63 22.40 -11.45 -22.63
N ALA B 64 21.33 -11.36 -23.42
CA ALA B 64 21.20 -10.31 -24.45
C ALA B 64 19.79 -9.72 -24.34
N ILE B 65 19.75 -8.40 -24.34
CA ILE B 65 18.48 -7.65 -24.25
C ILE B 65 17.76 -7.71 -25.62
N GLU B 66 16.49 -8.08 -25.56
CA GLU B 66 15.57 -7.98 -26.70
C GLU B 66 15.10 -6.53 -26.81
N LYS B 67 14.57 -5.97 -25.75
CA LYS B 67 14.02 -4.59 -25.79
C LYS B 67 13.95 -4.06 -24.37
N ILE B 68 13.88 -2.72 -24.26
CA ILE B 68 13.65 -2.00 -22.99
C ILE B 68 12.45 -1.10 -23.21
N GLU B 69 11.47 -1.20 -22.33
CA GLU B 69 10.27 -0.34 -22.40
C GLU B 69 10.22 0.54 -21.17
N ARG B 70 9.97 1.82 -21.40
CA ARG B 70 9.65 2.77 -20.31
C ARG B 70 8.19 2.59 -19.92
N ILE B 71 7.96 2.40 -18.64
CA ILE B 71 6.58 2.24 -18.11
C ILE B 71 6.05 3.59 -17.71
N GLN B 72 5.00 4.03 -18.38
CA GLN B 72 4.34 5.32 -18.04
C GLN B 72 3.00 4.98 -17.42
N ASN B 73 2.95 4.98 -16.10
CA ASN B 73 1.70 4.62 -15.37
C ASN B 73 1.36 5.80 -14.48
N ALA B 74 0.40 6.61 -14.89
CA ALA B 74 0.15 7.91 -14.23
C ALA B 74 -0.23 7.71 -12.78
N PHE B 75 -1.14 6.79 -12.50
CA PHE B 75 -1.64 6.59 -11.13
C PHE B 75 -0.53 6.03 -10.24
N LEU B 76 0.21 5.01 -10.69
CA LEU B 76 1.31 4.48 -9.86
C LEU B 76 2.33 5.59 -9.60
N TRP B 77 2.60 6.40 -10.62
CA TRP B 77 3.62 7.46 -10.45
C TRP B 77 3.14 8.43 -9.38
N GLN B 78 1.88 8.86 -9.48
CA GLN B 78 1.32 9.86 -8.54
CA GLN B 78 1.35 9.88 -8.55
C GLN B 78 1.46 9.34 -7.11
N SER B 79 1.02 8.11 -6.86
CA SER B 79 1.00 7.57 -5.48
C SER B 79 2.45 7.38 -5.00
N TYR B 80 3.35 6.92 -5.87
CA TYR B 80 4.76 6.75 -5.50
C TYR B 80 5.39 8.11 -5.16
N GLN B 81 5.17 9.11 -5.99
CA GLN B 81 5.81 10.44 -5.76
C GLN B 81 5.30 11.04 -4.44
N VAL B 82 4.03 10.82 -4.12
CA VAL B 82 3.51 11.27 -2.80
C VAL B 82 4.31 10.58 -1.69
N LYS B 83 4.49 9.26 -1.78
CA LYS B 83 5.24 8.52 -0.73
C LYS B 83 6.67 9.02 -0.70
N LYS B 84 7.27 9.36 -1.85
CA LYS B 84 8.66 9.82 -1.86
C LYS B 84 8.75 11.17 -1.12
N ARG B 85 7.83 12.07 -1.43
CA ARG B 85 7.85 13.40 -0.79
C ARG B 85 7.71 13.23 0.72
N GLN B 86 6.82 12.33 1.14
CA GLN B 86 6.61 12.08 2.58
C GLN B 86 7.89 11.56 3.22
N MET B 87 8.57 10.62 2.58
CA MET B 87 9.79 10.03 3.16
C MET B 87 10.90 11.08 3.19
N ASP B 88 11.00 11.88 2.13
CA ASP B 88 12.01 12.96 2.09
C ASP B 88 11.78 13.95 3.25
N ILE B 89 10.52 14.28 3.54
CA ILE B 89 10.19 15.18 4.66
C ILE B 89 10.57 14.49 5.98
N LYS B 90 10.17 13.24 6.16
CA LYS B 90 10.31 12.50 7.44
C LYS B 90 11.81 12.32 7.73
N ASN B 91 12.59 11.91 6.74
CA ASN B 91 13.99 11.50 6.97
C ASN B 91 14.95 12.68 6.92
N ASP B 92 14.56 13.81 6.35
CA ASP B 92 15.41 15.03 6.37
C ASP B 92 16.80 14.69 5.77
N HIS B 93 16.94 14.84 4.45
CA HIS B 93 18.22 14.91 3.68
C HIS B 93 18.88 13.55 3.48
N LYS B 94 18.15 12.44 3.62
CA LYS B 94 18.60 11.10 3.18
CA LYS B 94 18.66 11.12 3.17
C LYS B 94 18.39 10.95 1.67
N ASN B 95 19.28 10.26 0.98
CA ASN B 95 19.00 9.72 -0.37
C ASN B 95 18.06 8.52 -0.10
N ASN B 96 16.76 8.72 -0.28
CA ASN B 96 15.76 7.69 0.10
C ASN B 96 15.47 6.72 -1.05
N GLU B 97 15.91 7.03 -2.26
CA GLU B 97 15.51 6.25 -3.46
C GLU B 97 16.73 5.57 -4.09
N ARG B 98 16.59 4.28 -4.38
CA ARG B 98 17.59 3.50 -5.12
C ARG B 98 16.93 2.94 -6.38
N LEU B 99 17.74 2.66 -7.39
CA LEU B 99 17.28 2.04 -8.63
C LEU B 99 17.70 0.58 -8.61
N LEU B 100 16.72 -0.29 -8.48
CA LEU B 100 16.95 -1.73 -8.20
C LEU B 100 16.27 -2.57 -9.27
N PHE B 101 16.51 -3.88 -9.23
CA PHE B 101 15.99 -4.83 -10.23
C PHE B 101 14.96 -5.75 -9.59
N HIS B 102 14.03 -6.23 -10.39
CA HIS B 102 13.03 -7.22 -9.94
C HIS B 102 12.70 -8.14 -11.10
N GLY B 103 13.12 -9.39 -11.01
CA GLY B 103 12.80 -10.43 -11.99
C GLY B 103 11.46 -11.02 -11.67
N THR B 104 10.64 -11.27 -12.67
CA THR B 104 9.37 -11.97 -12.45
C THR B 104 9.00 -12.78 -13.68
N ASP B 105 7.93 -13.55 -13.52
CA ASP B 105 7.42 -14.42 -14.57
C ASP B 105 6.53 -13.62 -15.51
N ALA B 106 6.37 -14.12 -16.72
CA ALA B 106 5.59 -13.43 -17.76
C ALA B 106 4.14 -13.23 -17.29
N ASP B 107 3.55 -14.18 -16.56
CA ASP B 107 2.12 -14.13 -16.12
C ASP B 107 1.90 -12.91 -15.20
N SER B 108 2.93 -12.44 -14.51
CA SER B 108 2.84 -11.30 -13.56
C SER B 108 2.99 -9.95 -14.26
N VAL B 109 3.51 -9.89 -15.48
CA VAL B 109 3.94 -8.62 -16.10
C VAL B 109 2.72 -7.72 -16.30
N PRO B 110 1.56 -8.19 -16.81
CA PRO B 110 0.41 -7.29 -16.99
C PRO B 110 0.00 -6.65 -15.67
N TYR B 111 -0.03 -7.42 -14.58
CA TYR B 111 -0.45 -6.90 -13.27
C TYR B 111 0.57 -5.87 -12.79
N VAL B 112 1.85 -6.17 -12.82
CA VAL B 112 2.87 -5.22 -12.33
C VAL B 112 2.80 -3.94 -13.15
N ASN B 113 2.69 -4.03 -14.47
CA ASN B 113 2.69 -2.82 -15.31
C ASN B 113 1.55 -1.89 -14.86
N GLN B 114 0.39 -2.45 -14.52
CA GLN B 114 -0.84 -1.69 -14.23
CA GLN B 114 -0.84 -1.69 -14.21
C GLN B 114 -0.90 -1.30 -12.73
N HIS B 115 -0.46 -2.19 -11.85
CA HIS B 115 -0.77 -2.09 -10.41
C HIS B 115 0.46 -2.13 -9.54
N GLY B 116 1.65 -2.33 -10.09
CA GLY B 116 2.88 -2.33 -9.31
C GLY B 116 3.06 -3.62 -8.54
N PHE B 117 3.85 -3.53 -7.48
CA PHE B 117 4.36 -4.67 -6.71
C PHE B 117 3.48 -4.88 -5.50
N ASN B 118 2.91 -6.07 -5.42
CA ASN B 118 1.97 -6.45 -4.35
C ASN B 118 2.63 -7.48 -3.44
N ARG B 119 2.92 -7.10 -2.20
CA ARG B 119 3.58 -8.01 -1.23
C ARG B 119 2.73 -9.25 -1.00
N SER B 120 1.40 -9.16 -1.20
CA SER B 120 0.51 -10.33 -0.94
C SER B 120 0.72 -11.41 -2.00
N CYS B 121 1.38 -11.11 -3.12
CA CYS B 121 1.63 -12.04 -4.24
C CYS B 121 3.06 -12.56 -4.21
N ALA B 122 3.92 -12.02 -3.36
CA ALA B 122 5.39 -12.26 -3.37
C ALA B 122 5.67 -13.70 -2.94
N GLY B 123 6.66 -14.30 -3.57
CA GLY B 123 7.14 -15.65 -3.20
C GLY B 123 7.95 -15.57 -1.92
N LYS B 124 8.12 -16.69 -1.22
CA LYS B 124 9.16 -16.78 -0.17
C LYS B 124 10.51 -16.75 -0.88
N ASN B 125 11.43 -15.88 -0.46
CA ASN B 125 12.80 -15.83 -1.01
C ASN B 125 13.62 -16.98 -0.43
N ALA B 126 14.58 -17.51 -1.21
CA ALA B 126 15.49 -18.59 -0.76
C ALA B 126 16.26 -18.14 0.49
N VAL B 127 16.58 -16.85 0.61
CA VAL B 127 17.03 -16.33 1.93
C VAL B 127 16.06 -15.21 2.29
N SER B 128 15.19 -15.49 3.25
CA SER B 128 14.11 -14.54 3.61
C SER B 128 14.56 -13.61 4.70
N TYR B 129 14.45 -12.32 4.43
CA TYR B 129 14.65 -11.20 5.38
C TYR B 129 13.33 -10.53 5.67
N GLY B 130 12.21 -11.19 5.39
CA GLY B 130 10.87 -10.69 5.69
C GLY B 130 9.89 -10.99 4.57
N LYS B 131 8.60 -10.87 4.89
CA LYS B 131 7.48 -11.16 3.98
C LYS B 131 7.12 -9.85 3.28
N GLY B 132 7.84 -9.55 2.21
CA GLY B 132 7.56 -8.36 1.39
C GLY B 132 8.02 -8.56 -0.02
N THR B 133 8.09 -7.48 -0.77
CA THR B 133 8.59 -7.52 -2.16
C THR B 133 10.09 -7.28 -2.16
N TYR B 134 10.81 -8.11 -2.91
CA TYR B 134 12.29 -8.13 -2.96
C TYR B 134 12.76 -7.41 -4.22
N PHE B 135 13.83 -6.67 -4.04
CA PHE B 135 14.51 -5.94 -5.11
C PHE B 135 16.00 -6.15 -4.97
N ALA B 136 16.67 -6.37 -6.09
CA ALA B 136 18.11 -6.68 -6.11
C ALA B 136 18.93 -5.46 -6.50
N VAL B 137 20.09 -5.33 -5.91
CA VAL B 137 21.12 -4.34 -6.33
C VAL B 137 21.69 -4.78 -7.69
N ASP B 138 21.97 -6.08 -7.89
CA ASP B 138 22.60 -6.61 -9.10
C ASP B 138 21.55 -7.28 -9.98
N ALA B 139 21.57 -6.95 -11.27
CA ALA B 139 20.70 -7.63 -12.24
C ALA B 139 20.95 -9.14 -12.26
N SER B 140 22.18 -9.58 -11.99
CA SER B 140 22.49 -11.03 -12.01
C SER B 140 21.58 -11.79 -11.05
N TYR B 141 21.23 -11.20 -9.90
CA TYR B 141 20.39 -11.90 -8.90
C TYR B 141 19.00 -12.06 -9.52
N SER B 142 18.45 -10.96 -10.03
CA SER B 142 17.11 -10.95 -10.66
C SER B 142 17.08 -11.81 -11.91
N ALA B 143 18.22 -12.02 -12.54
CA ALA B 143 18.31 -12.80 -13.80
C ALA B 143 18.19 -14.31 -13.55
N LYS B 144 18.24 -14.76 -12.31
CA LYS B 144 18.11 -16.21 -12.02
C LYS B 144 16.74 -16.66 -12.50
N ASP B 145 16.69 -17.87 -13.06
CA ASP B 145 15.43 -18.44 -13.61
C ASP B 145 14.39 -18.53 -12.49
N THR B 146 14.80 -18.60 -11.23
CA THR B 146 13.82 -18.69 -10.10
CA THR B 146 13.83 -18.68 -10.10
C THR B 146 12.99 -17.41 -10.03
N TYR B 147 13.52 -16.26 -10.48
CA TYR B 147 12.81 -14.96 -10.45
C TYR B 147 12.27 -14.60 -11.84
N SER B 148 13.16 -14.40 -12.80
CA SER B 148 12.81 -14.02 -14.19
C SER B 148 12.62 -15.33 -14.97
N LYS B 149 11.55 -16.04 -14.63
CA LYS B 149 11.31 -17.39 -15.19
C LYS B 149 11.21 -17.27 -16.70
N PRO B 150 11.98 -18.05 -17.51
CA PRO B 150 11.79 -18.00 -18.95
C PRO B 150 10.37 -18.42 -19.33
N ASP B 151 9.76 -17.69 -20.26
CA ASP B 151 8.41 -18.00 -20.77
C ASP B 151 8.55 -19.06 -21.86
N SER B 152 7.45 -19.42 -22.49
CA SER B 152 7.43 -20.53 -23.49
C SER B 152 8.26 -20.16 -24.73
N ASN B 153 8.65 -18.90 -24.93
CA ASN B 153 9.50 -18.45 -26.06
C ASN B 153 10.92 -18.15 -25.55
N GLY B 154 11.26 -18.53 -24.31
CA GLY B 154 12.61 -18.30 -23.76
C GLY B 154 12.85 -16.84 -23.39
N ARG B 155 11.80 -16.01 -23.32
CA ARG B 155 11.98 -14.61 -22.85
C ARG B 155 11.93 -14.53 -21.33
N LYS B 156 12.90 -13.80 -20.80
CA LYS B 156 12.99 -13.46 -19.37
C LYS B 156 12.64 -11.99 -19.18
N HIS B 157 12.07 -11.65 -18.03
CA HIS B 157 11.48 -10.31 -17.78
C HIS B 157 12.03 -9.75 -16.49
N MET B 158 12.60 -8.56 -16.55
CA MET B 158 13.15 -7.92 -15.33
C MET B 158 12.74 -6.46 -15.34
N TYR B 159 12.19 -5.98 -14.24
CA TYR B 159 11.91 -4.55 -14.05
C TYR B 159 13.14 -3.86 -13.48
N VAL B 160 13.26 -2.60 -13.86
CA VAL B 160 14.13 -1.61 -13.20
C VAL B 160 13.21 -0.65 -12.46
N VAL B 161 13.45 -0.53 -11.16
CA VAL B 161 12.43 -0.02 -10.23
C VAL B 161 13.03 1.08 -9.36
N ARG B 162 12.32 2.21 -9.27
CA ARG B 162 12.63 3.21 -8.23
C ARG B 162 12.05 2.69 -6.91
N VAL B 163 12.91 2.50 -5.90
CA VAL B 163 12.48 1.93 -4.61
C VAL B 163 12.85 2.91 -3.49
N LEU B 164 11.87 3.16 -2.62
CA LEU B 164 12.10 4.04 -1.47
C LEU B 164 12.68 3.18 -0.34
N THR B 165 13.98 2.95 -0.40
CA THR B 165 14.70 2.17 0.62
C THR B 165 14.83 2.98 1.90
N GLY B 166 14.91 4.32 1.81
CA GLY B 166 15.04 5.18 2.99
C GLY B 166 16.11 4.69 3.95
N VAL B 167 15.76 4.67 5.23
CA VAL B 167 16.64 4.20 6.32
C VAL B 167 16.32 2.72 6.58
N PHE B 168 17.33 1.89 6.55
CA PHE B 168 17.13 0.44 6.53
C PHE B 168 17.99 -0.23 7.60
N THR B 169 17.63 -1.46 7.88
CA THR B 169 18.34 -2.32 8.83
C THR B 169 18.31 -3.74 8.28
N LYS B 170 19.06 -4.65 8.89
CA LYS B 170 19.05 -6.06 8.49
CA LYS B 170 19.04 -6.06 8.48
C LYS B 170 17.69 -6.67 8.83
N GLY B 171 17.04 -7.27 7.87
CA GLY B 171 15.74 -7.86 8.12
C GLY B 171 15.80 -9.23 8.79
N ARG B 172 14.62 -9.78 8.97
CA ARG B 172 14.46 -11.13 9.55
CA ARG B 172 14.41 -11.10 9.62
CA ARG B 172 14.47 -11.14 9.54
C ARG B 172 13.19 -11.76 8.96
N ALA B 173 13.23 -13.08 8.82
CA ALA B 173 12.19 -13.83 8.10
C ALA B 173 10.78 -13.56 8.63
N GLY B 174 10.64 -13.36 9.94
CA GLY B 174 9.30 -13.16 10.52
C GLY B 174 8.65 -11.80 10.23
N LEU B 175 9.36 -10.84 9.63
CA LEU B 175 8.78 -9.48 9.49
C LEU B 175 7.59 -9.48 8.52
N VAL B 176 6.49 -8.80 8.87
CA VAL B 176 5.42 -8.46 7.89
C VAL B 176 5.38 -6.95 7.65
N THR B 177 6.09 -6.16 8.47
CA THR B 177 6.37 -4.70 8.31
C THR B 177 7.84 -4.49 8.66
N PRO B 178 8.53 -3.37 8.27
CA PRO B 178 9.88 -3.18 8.76
C PRO B 178 9.82 -3.03 10.27
N PRO B 179 10.94 -3.34 10.95
CA PRO B 179 10.99 -3.25 12.39
C PRO B 179 10.99 -1.79 12.81
N PRO B 180 10.61 -1.56 14.07
CA PRO B 180 10.80 -0.24 14.67
C PRO B 180 12.30 0.07 14.77
N LYS B 181 12.62 1.35 14.76
CA LYS B 181 14.00 1.79 15.06
CA LYS B 181 13.99 1.85 15.05
C LYS B 181 14.28 1.65 16.55
N ASN B 182 13.24 1.79 17.34
CA ASN B 182 13.35 1.83 18.81
C ASN B 182 12.24 0.98 19.38
N PRO B 183 12.56 -0.06 20.18
CA PRO B 183 11.52 -0.98 20.62
C PRO B 183 10.49 -0.33 21.56
N HIS B 184 10.82 0.85 22.11
CA HIS B 184 9.89 1.57 23.02
C HIS B 184 8.99 2.53 22.26
N ASN B 185 9.17 2.62 20.95
CA ASN B 185 8.30 3.42 20.06
C ASN B 185 8.01 2.57 18.83
N PRO B 186 7.12 1.58 18.99
CA PRO B 186 6.98 0.56 17.97
C PRO B 186 6.44 1.05 16.63
N THR B 187 5.88 2.25 16.56
CA THR B 187 5.24 2.72 15.31
C THR B 187 6.21 3.55 14.47
N ASP B 188 7.40 3.87 14.94
CA ASP B 188 8.38 4.67 14.17
C ASP B 188 9.33 3.69 13.47
N LEU B 189 9.06 3.42 12.20
CA LEU B 189 9.63 2.23 11.53
C LEU B 189 10.86 2.63 10.72
N PHE B 190 11.74 1.63 10.51
CA PHE B 190 12.63 1.67 9.33
C PHE B 190 11.78 1.67 8.06
N ASP B 191 12.33 2.21 6.98
CA ASP B 191 11.59 2.27 5.69
C ASP B 191 11.66 0.94 4.95
N SER B 192 12.76 0.22 5.10
CA SER B 192 12.96 -1.06 4.39
C SER B 192 13.95 -1.89 5.17
N VAL B 193 14.14 -3.13 4.72
CA VAL B 193 15.20 -3.97 5.32
C VAL B 193 16.07 -4.54 4.20
N THR B 194 17.23 -5.00 4.60
CA THR B 194 18.24 -5.53 3.67
C THR B 194 18.81 -6.83 4.23
N ASN B 195 19.63 -7.50 3.44
CA ASN B 195 20.36 -8.70 3.88
C ASN B 195 21.57 -8.31 4.73
N ASN B 196 22.18 -7.16 4.45
CA ASN B 196 23.46 -6.77 5.09
C ASN B 196 23.57 -5.26 4.96
N THR B 197 23.66 -4.52 6.06
CA THR B 197 23.62 -3.04 6.00
C THR B 197 24.95 -2.49 5.47
N ARG B 198 26.06 -3.19 5.68
CA ARG B 198 27.42 -2.74 5.27
C ARG B 198 27.55 -2.95 3.76
N SER B 199 26.93 -4.00 3.24
CA SER B 199 27.06 -4.41 1.81
CA SER B 199 27.06 -4.42 1.82
C SER B 199 25.71 -4.91 1.31
N PRO B 200 24.71 -4.03 1.14
CA PRO B 200 23.38 -4.46 0.76
C PRO B 200 23.37 -5.04 -0.67
N LYS B 201 22.69 -6.18 -0.79
CA LYS B 201 22.49 -6.80 -2.13
C LYS B 201 21.01 -6.97 -2.45
N LEU B 202 20.15 -6.86 -1.46
CA LEU B 202 18.71 -6.92 -1.68
C LEU B 202 18.04 -5.98 -0.69
N PHE B 203 16.87 -5.53 -1.06
CA PHE B 203 16.00 -4.74 -0.16
C PHE B 203 14.60 -5.32 -0.22
N VAL B 204 13.91 -5.24 0.90
CA VAL B 204 12.52 -5.72 1.01
C VAL B 204 11.67 -4.53 1.41
N VAL B 205 10.58 -4.33 0.72
CA VAL B 205 9.62 -3.26 1.12
C VAL B 205 8.27 -3.92 1.38
N PHE B 206 7.53 -3.30 2.27
CA PHE B 206 6.36 -3.90 2.92
C PHE B 206 5.10 -3.07 2.71
N PHE B 207 5.18 -2.00 1.91
CA PHE B 207 4.01 -1.13 1.65
C PHE B 207 3.78 -0.90 0.17
N ASP B 208 2.52 -0.68 -0.17
CA ASP B 208 2.09 -0.33 -1.53
C ASP B 208 2.70 1.02 -1.88
N ASN B 209 3.00 1.17 -3.15
CA ASN B 209 3.40 2.49 -3.71
C ASN B 209 4.75 2.94 -3.09
N GLN B 210 5.58 2.00 -2.62
CA GLN B 210 6.96 2.27 -2.20
C GLN B 210 7.99 1.92 -3.30
N ALA B 211 7.49 1.49 -4.46
CA ALA B 211 8.34 1.03 -5.58
C ALA B 211 7.58 1.35 -6.85
N TYR B 212 8.24 2.03 -7.78
CA TYR B 212 7.65 2.38 -9.08
C TYR B 212 8.36 1.59 -10.17
N PRO B 213 7.65 0.69 -10.87
CA PRO B 213 8.24 -0.04 -12.00
C PRO B 213 8.48 0.96 -13.14
N GLU B 214 9.74 1.24 -13.42
CA GLU B 214 10.09 2.31 -14.38
C GLU B 214 10.42 1.77 -15.77
N TYR B 215 11.13 0.65 -15.84
CA TYR B 215 11.49 0.02 -17.13
C TYR B 215 11.23 -1.46 -17.03
N LEU B 216 10.85 -2.04 -18.16
CA LEU B 216 10.76 -3.51 -18.32
C LEU B 216 11.82 -3.94 -19.33
N ILE B 217 12.77 -4.75 -18.89
CA ILE B 217 13.80 -5.35 -19.78
C ILE B 217 13.29 -6.75 -20.15
N THR B 218 13.14 -7.00 -21.45
CA THR B 218 12.88 -8.36 -21.97
C THR B 218 14.22 -8.85 -22.52
N PHE B 219 14.63 -10.06 -22.15
CA PHE B 219 15.99 -10.53 -22.49
C PHE B 219 15.96 -12.05 -22.69
N THR B 220 17.01 -12.54 -23.33
CA THR B 220 17.16 -13.99 -23.59
C THR B 220 18.59 -14.43 -23.31
N ALA B 221 18.81 -15.73 -23.29
CA ALA B 221 20.17 -16.33 -23.32
C ALA B 221 20.72 -16.19 -24.74
#